data_6MEB
#
_entry.id   6MEB
#
_cell.length_a   33.607
_cell.length_b   41.561
_cell.length_c   59.912
_cell.angle_alpha   73.420
_cell.angle_beta   88.560
_cell.angle_gamma   88.430
#
_symmetry.space_group_name_H-M   'P 1'
#
loop_
_entity.id
_entity.type
_entity.pdbx_description
1 polymer 'Replicase polyprotein 1ab'
2 non-polymer NICOTINAMIDE-ADENINE-DINUCLEOTIDE
3 water water
#
_entity_poly.entity_id   1
_entity_poly.type   'polypeptide(L)'
_entity_poly.pdbx_seq_one_letter_code
;SHMSKYKHTVINNSVTLVLGDAIQIASLLPKCILVNAANRHLKHGGGIAGVINKASGGDVQEESDEYISNNGPLHVGDSV
LLKGHGLADAILHVVGPDARNNEDAALLKRCYKAFNKHTIVVTPLISAGIFSVDPKVSFEYLLANVTTTTYVVVNNEDIY
NTLATPSKPDGLVY
;
_entity_poly.pdbx_strand_id   A,B
#
loop_
_chem_comp.id
_chem_comp.type
_chem_comp.name
_chem_comp.formula
NAD non-polymer NICOTINAMIDE-ADENINE-DINUCLEOTIDE 'C21 H27 N7 O14 P2'
#
# COMPACT_ATOMS: atom_id res chain seq x y z
N SER A 4 -1.14 1.14 -29.62
CA SER A 4 -1.83 1.87 -28.51
C SER A 4 -3.10 1.13 -28.09
N LYS A 5 -4.05 1.91 -27.54
CA LYS A 5 -5.26 1.52 -26.77
C LYS A 5 -4.98 1.80 -25.28
N TYR A 6 -3.69 1.83 -24.91
CA TYR A 6 -3.18 2.24 -23.59
C TYR A 6 -2.04 3.26 -23.77
N LYS A 7 -1.85 4.16 -22.79
CA LYS A 7 -0.68 5.06 -22.74
C LYS A 7 0.59 4.21 -22.50
N HIS A 8 1.64 4.44 -23.29
CA HIS A 8 2.86 3.64 -23.17
C HIS A 8 4.08 4.37 -23.74
N THR A 9 5.25 4.02 -23.18
CA THR A 9 6.54 4.52 -23.63
C THR A 9 7.49 3.35 -23.83
N VAL A 10 8.03 3.23 -25.04
CA VAL A 10 9.06 2.27 -25.34
C VAL A 10 10.38 2.81 -24.77
N ILE A 11 10.99 2.06 -23.84
CA ILE A 11 12.20 2.46 -23.16
C ILE A 11 13.43 2.02 -23.99
N ASN A 12 13.44 0.76 -24.42
CA ASN A 12 14.55 0.22 -25.21
C ASN A 12 14.00 -0.89 -26.11
N ASN A 13 14.91 -1.66 -26.75
CA ASN A 13 14.56 -2.76 -27.66
C ASN A 13 13.77 -3.86 -26.96
N SER A 14 13.82 -3.91 -25.62
CA SER A 14 13.23 -4.99 -24.82
C SER A 14 11.98 -4.50 -24.07
N VAL A 15 12.07 -3.32 -23.44
CA VAL A 15 11.15 -2.93 -22.38
C VAL A 15 10.23 -1.79 -22.87
N THR A 16 8.92 -2.01 -22.69
CA THR A 16 7.89 -0.98 -22.89
C THR A 16 7.17 -0.74 -21.55
N LEU A 17 7.13 0.53 -21.11
CA LEU A 17 6.40 0.94 -19.91
C LEU A 17 4.96 1.27 -20.32
N VAL A 18 4.00 0.65 -19.62
CA VAL A 18 2.58 0.78 -19.96
C VAL A 18 1.82 1.29 -18.72
N LEU A 19 0.96 2.28 -18.93
CA LEU A 19 0.00 2.70 -17.91
C LEU A 19 -1.28 1.89 -18.11
N GLY A 20 -1.61 1.07 -17.11
CA GLY A 20 -2.80 0.24 -17.16
C GLY A 20 -2.77 -0.88 -16.12
N ASP A 21 -3.54 -1.94 -16.41
CA ASP A 21 -3.71 -3.12 -15.57
C ASP A 21 -2.97 -4.30 -16.21
N ALA A 22 -2.04 -4.91 -15.47
CA ALA A 22 -1.20 -5.98 -16.00
C ALA A 22 -2.07 -7.14 -16.51
N ILE A 23 -3.17 -7.43 -15.83
CA ILE A 23 -4.05 -8.53 -16.22
C ILE A 23 -4.64 -8.22 -17.60
N GLN A 24 -5.06 -6.97 -17.81
CA GLN A 24 -5.70 -6.60 -19.07
C GLN A 24 -4.67 -6.64 -20.21
N ILE A 25 -3.43 -6.22 -19.94
CA ILE A 25 -2.39 -6.22 -20.96
C ILE A 25 -2.02 -7.68 -21.32
N ALA A 26 -1.99 -8.57 -20.31
CA ALA A 26 -1.63 -9.98 -20.53
C ALA A 26 -2.71 -10.68 -21.38
N SER A 27 -3.98 -10.31 -21.17
CA SER A 27 -5.09 -10.86 -21.95
C SER A 27 -4.97 -10.48 -23.44
N LEU A 28 -4.48 -9.26 -23.68
CA LEU A 28 -4.35 -8.68 -25.03
C LEU A 28 -3.40 -9.51 -25.89
N LEU A 29 -2.32 -9.98 -25.27
CA LEU A 29 -1.23 -10.62 -26.01
C LEU A 29 -1.57 -12.09 -26.23
N PRO A 30 -1.39 -12.62 -27.45
CA PRO A 30 -1.70 -14.02 -27.73
C PRO A 30 -0.79 -15.01 -26.98
N LYS A 31 0.46 -14.59 -26.67
CA LYS A 31 1.39 -15.46 -25.99
C LYS A 31 2.22 -14.62 -25.02
N CYS A 32 2.12 -14.92 -23.73
CA CYS A 32 2.95 -14.24 -22.76
C CYS A 32 2.91 -15.01 -21.44
N ILE A 33 3.91 -14.70 -20.60
CA ILE A 33 3.88 -15.01 -19.20
C ILE A 33 3.52 -13.75 -18.43
N LEU A 34 2.64 -13.92 -17.44
CA LEU A 34 2.29 -12.89 -16.49
C LEU A 34 3.06 -13.11 -15.19
N VAL A 35 3.68 -12.04 -14.70
CA VAL A 35 4.44 -12.11 -13.47
C VAL A 35 3.55 -11.67 -12.30
N ASN A 36 3.59 -12.46 -11.22
CA ASN A 36 2.97 -12.09 -9.96
C ASN A 36 4.07 -11.66 -8.98
N ALA A 37 3.87 -10.52 -8.34
CA ALA A 37 4.68 -10.05 -7.22
C ALA A 37 4.20 -10.75 -5.94
N ALA A 38 4.88 -11.84 -5.58
CA ALA A 38 4.42 -12.77 -4.54
C ALA A 38 5.23 -12.64 -3.27
N ASN A 39 4.76 -13.31 -2.19
CA ASN A 39 5.52 -13.45 -0.94
C ASN A 39 6.08 -14.88 -0.90
N ARG A 40 6.94 -15.17 0.09
CA ARG A 40 7.66 -16.43 0.19
C ARG A 40 6.70 -17.62 0.31
N HIS A 41 5.48 -17.39 0.81
CA HIS A 41 4.50 -18.44 1.06
C HIS A 41 3.43 -18.53 -0.03
N LEU A 42 3.56 -17.72 -1.09
CA LEU A 42 2.58 -17.60 -2.16
C LEU A 42 1.16 -17.50 -1.57
N LYS A 43 1.03 -16.65 -0.56
CA LYS A 43 -0.27 -16.32 0.01
C LYS A 43 -0.73 -15.00 -0.62
N HIS A 44 -1.73 -15.09 -1.50
CA HIS A 44 -2.13 -14.01 -2.41
C HIS A 44 -3.32 -13.23 -1.85
N GLY A 45 -3.10 -12.62 -0.69
CA GLY A 45 -4.11 -11.93 0.06
C GLY A 45 -4.40 -10.53 -0.44
N GLY A 46 -3.43 -9.90 -1.13
CA GLY A 46 -3.54 -8.50 -1.50
C GLY A 46 -2.55 -8.09 -2.58
N GLY A 47 -2.50 -6.78 -2.85
CA GLY A 47 -1.69 -6.24 -3.95
C GLY A 47 -2.13 -6.83 -5.28
N ILE A 48 -1.23 -6.81 -6.28
CA ILE A 48 -1.45 -7.47 -7.58
C ILE A 48 -1.77 -8.96 -7.36
N ALA A 49 -1.08 -9.62 -6.42
CA ALA A 49 -1.28 -11.05 -6.16
C ALA A 49 -2.76 -11.36 -5.89
N GLY A 50 -3.39 -10.49 -5.10
CA GLY A 50 -4.80 -10.61 -4.75
C GLY A 50 -5.69 -10.54 -5.99
N VAL A 51 -5.35 -9.60 -6.90
CA VAL A 51 -6.19 -9.37 -8.07
C VAL A 51 -6.00 -10.52 -9.06
N ILE A 52 -4.76 -11.02 -9.17
CA ILE A 52 -4.50 -12.23 -9.98
C ILE A 52 -5.33 -13.40 -9.46
N ASN A 53 -5.28 -13.65 -8.15
CA ASN A 53 -5.97 -14.81 -7.59
C ASN A 53 -7.48 -14.69 -7.84
N LYS A 54 -8.03 -13.51 -7.57
CA LYS A 54 -9.47 -13.29 -7.73
C LYS A 54 -9.87 -13.41 -9.21
N ALA A 55 -9.03 -12.95 -10.14
CA ALA A 55 -9.35 -13.06 -11.57
C ALA A 55 -9.40 -14.53 -11.99
N SER A 56 -8.69 -15.39 -11.26
CA SER A 56 -8.69 -16.84 -11.48
C SER A 56 -9.78 -17.52 -10.65
N GLY A 57 -10.54 -16.75 -9.87
CA GLY A 57 -11.61 -17.30 -9.02
C GLY A 57 -11.06 -18.21 -7.91
N GLY A 58 -9.80 -17.95 -7.51
CA GLY A 58 -9.16 -18.71 -6.44
C GLY A 58 -8.36 -19.90 -6.92
N ASP A 59 -8.29 -20.13 -8.23
CA ASP A 59 -7.57 -21.26 -8.81
C ASP A 59 -6.06 -21.12 -8.51
N VAL A 60 -5.56 -19.88 -8.58
CA VAL A 60 -4.13 -19.58 -8.37
C VAL A 60 -3.73 -19.91 -6.93
N GLN A 61 -4.56 -19.52 -5.95
CA GLN A 61 -4.26 -19.79 -4.56
C GLN A 61 -4.24 -21.30 -4.31
N GLU A 62 -5.20 -22.01 -4.92
CA GLU A 62 -5.32 -23.47 -4.80
C GLU A 62 -4.00 -24.13 -5.24
N GLU A 63 -3.53 -23.75 -6.42
CA GLU A 63 -2.31 -24.29 -6.98
C GLU A 63 -1.11 -23.93 -6.10
N SER A 64 -1.06 -22.66 -5.68
CA SER A 64 0.05 -22.15 -4.89
C SER A 64 0.21 -22.97 -3.61
N ASP A 65 -0.92 -23.23 -2.95
CA ASP A 65 -0.97 -23.98 -1.71
C ASP A 65 -0.35 -25.36 -1.94
N GLU A 66 -0.72 -26.00 -3.05
CA GLU A 66 -0.23 -27.32 -3.37
C GLU A 66 1.29 -27.26 -3.53
N TYR A 67 1.77 -26.25 -4.27
CA TYR A 67 3.19 -26.09 -4.50
C TYR A 67 3.90 -25.93 -3.14
N ILE A 68 3.41 -25.02 -2.30
CA ILE A 68 4.10 -24.70 -1.06
C ILE A 68 3.97 -25.90 -0.12
N SER A 69 2.75 -26.46 -0.03
CA SER A 69 2.44 -27.56 0.91
C SER A 69 3.47 -28.70 0.74
N ASN A 70 3.93 -28.85 -0.47
CA ASN A 70 4.77 -30.00 -0.82
C ASN A 70 6.23 -29.62 -0.97
N ASN A 71 6.49 -28.33 -1.12
CA ASN A 71 7.86 -27.84 -1.44
C ASN A 71 8.42 -26.83 -0.42
N GLY A 72 7.58 -26.33 0.49
CA GLY A 72 8.02 -25.38 1.50
C GLY A 72 8.16 -23.97 0.94
N PRO A 73 8.39 -22.96 1.81
CA PRO A 73 8.47 -21.57 1.35
C PRO A 73 9.66 -21.31 0.42
N LEU A 74 9.48 -20.31 -0.43
CA LEU A 74 10.51 -19.85 -1.34
C LEU A 74 11.48 -18.96 -0.56
N HIS A 75 12.66 -18.76 -1.15
CA HIS A 75 13.60 -17.78 -0.67
C HIS A 75 13.31 -16.45 -1.37
N VAL A 76 13.62 -15.35 -0.69
CA VAL A 76 13.51 -14.04 -1.29
C VAL A 76 14.41 -14.01 -2.53
N GLY A 77 13.86 -13.56 -3.64
CA GLY A 77 14.56 -13.49 -4.93
C GLY A 77 14.30 -14.70 -5.82
N ASP A 78 13.73 -15.76 -5.26
CA ASP A 78 13.35 -16.94 -6.01
C ASP A 78 12.10 -16.67 -6.84
N SER A 79 11.83 -17.54 -7.81
CA SER A 79 10.58 -17.51 -8.54
C SER A 79 10.14 -18.94 -8.85
N VAL A 80 8.86 -19.09 -9.19
CA VAL A 80 8.34 -20.40 -9.61
C VAL A 80 7.33 -20.16 -10.73
N LEU A 81 7.52 -20.89 -11.83
CA LEU A 81 6.58 -20.85 -12.94
C LEU A 81 5.45 -21.84 -12.68
N LEU A 82 4.22 -21.32 -12.64
CA LEU A 82 3.03 -22.10 -12.39
C LEU A 82 2.05 -21.86 -13.54
N LYS A 83 0.87 -22.52 -13.47
CA LYS A 83 -0.14 -22.46 -14.50
C LYS A 83 -0.69 -21.04 -14.66
N GLY A 84 -1.27 -20.79 -15.84
CA GLY A 84 -1.78 -19.49 -16.24
C GLY A 84 -3.24 -19.24 -15.87
N HIS A 85 -4.01 -20.32 -15.73
CA HIS A 85 -5.44 -20.25 -15.33
C HIS A 85 -6.24 -19.30 -16.23
N GLY A 86 -5.89 -19.24 -17.51
CA GLY A 86 -6.58 -18.43 -18.52
C GLY A 86 -6.19 -16.96 -18.54
N LEU A 87 -5.33 -16.52 -17.61
CA LEU A 87 -4.88 -15.11 -17.55
C LEU A 87 -3.70 -14.89 -18.50
N ALA A 88 -2.92 -15.97 -18.73
CA ALA A 88 -1.75 -15.97 -19.59
C ALA A 88 -1.33 -17.43 -19.81
N ASP A 89 -0.26 -17.66 -20.59
CA ASP A 89 0.20 -19.02 -20.86
C ASP A 89 0.72 -19.67 -19.57
N ALA A 90 1.31 -18.85 -18.70
CA ALA A 90 1.78 -19.26 -17.40
C ALA A 90 1.93 -18.01 -16.53
N ILE A 91 2.01 -18.22 -15.22
CA ILE A 91 2.26 -17.16 -14.25
C ILE A 91 3.59 -17.46 -13.55
N LEU A 92 4.54 -16.52 -13.65
CA LEU A 92 5.79 -16.59 -12.94
C LEU A 92 5.64 -15.83 -11.62
N HIS A 93 5.57 -16.57 -10.51
CA HIS A 93 5.46 -15.98 -9.20
C HIS A 93 6.86 -15.60 -8.74
N VAL A 94 7.12 -14.32 -8.51
CA VAL A 94 8.46 -13.89 -8.14
C VAL A 94 8.38 -13.27 -6.75
N VAL A 95 9.35 -13.60 -5.90
CA VAL A 95 9.36 -13.11 -4.55
C VAL A 95 10.38 -11.97 -4.43
N GLY A 96 9.89 -10.74 -4.50
CA GLY A 96 10.73 -9.56 -4.35
C GLY A 96 11.11 -9.34 -2.90
N PRO A 97 12.20 -8.58 -2.61
CA PRO A 97 12.54 -8.23 -1.24
C PRO A 97 11.51 -7.27 -0.65
N ASP A 98 11.17 -7.51 0.61
CA ASP A 98 10.29 -6.67 1.43
C ASP A 98 11.17 -5.76 2.30
N ALA A 99 11.20 -4.47 1.96
CA ALA A 99 12.02 -3.49 2.67
C ALA A 99 11.54 -3.31 4.12
N ARG A 100 10.26 -3.64 4.40
CA ARG A 100 9.73 -3.60 5.77
C ARG A 100 10.43 -4.63 6.65
N ASN A 101 10.93 -5.71 6.03
CA ASN A 101 11.64 -6.81 6.72
C ASN A 101 13.16 -6.67 6.57
N ASN A 102 13.62 -5.47 6.21
CA ASN A 102 15.04 -5.17 6.02
C ASN A 102 15.65 -6.08 4.93
N GLU A 103 14.85 -6.48 3.94
CA GLU A 103 15.35 -7.23 2.80
C GLU A 103 15.82 -6.24 1.74
N ASP A 104 17.02 -6.50 1.19
CA ASP A 104 17.74 -5.56 0.37
C ASP A 104 17.20 -5.58 -1.06
N ALA A 105 17.06 -4.37 -1.64
CA ALA A 105 16.53 -4.20 -2.98
C ALA A 105 17.39 -4.93 -4.03
N ALA A 106 18.69 -5.15 -3.75
CA ALA A 106 19.60 -5.80 -4.71
C ALA A 106 19.13 -7.23 -5.07
N LEU A 107 18.32 -7.86 -4.21
CA LEU A 107 17.72 -9.19 -4.53
C LEU A 107 16.79 -9.13 -5.75
N LEU A 108 16.33 -7.93 -6.11
CA LEU A 108 15.56 -7.76 -7.36
C LEU A 108 16.34 -8.21 -8.59
N LYS A 109 17.68 -8.22 -8.51
CA LYS A 109 18.50 -8.73 -9.62
C LYS A 109 18.05 -10.17 -9.95
N ARG A 110 17.88 -10.99 -8.91
CA ARG A 110 17.51 -12.39 -9.07
C ARG A 110 16.09 -12.51 -9.62
N CYS A 111 15.18 -11.66 -9.11
CA CYS A 111 13.81 -11.61 -9.56
C CYS A 111 13.77 -11.38 -11.08
N TYR A 112 14.46 -10.33 -11.54
CA TYR A 112 14.34 -9.88 -12.90
C TYR A 112 15.13 -10.76 -13.88
N LYS A 113 16.23 -11.39 -13.44
CA LYS A 113 16.97 -12.29 -14.32
C LYS A 113 16.11 -13.49 -14.71
N ALA A 114 15.16 -13.89 -13.85
CA ALA A 114 14.27 -15.02 -14.10
C ALA A 114 13.37 -14.77 -15.33
N PHE A 115 13.23 -13.51 -15.73
CA PHE A 115 12.41 -13.14 -16.89
C PHE A 115 13.01 -13.66 -18.21
N ASN A 116 14.35 -13.78 -18.25
CA ASN A 116 15.10 -13.75 -19.52
C ASN A 116 14.93 -15.04 -20.33
N LYS A 117 14.51 -16.12 -19.70
CA LYS A 117 14.27 -17.39 -20.44
C LYS A 117 12.88 -17.40 -21.09
N HIS A 118 12.08 -16.36 -20.87
CA HIS A 118 10.72 -16.28 -21.45
C HIS A 118 10.69 -15.30 -22.61
N THR A 119 9.90 -15.60 -23.64
CA THR A 119 9.89 -14.82 -24.89
C THR A 119 9.21 -13.46 -24.69
N ILE A 120 8.05 -13.46 -24.03
CA ILE A 120 7.29 -12.24 -23.76
C ILE A 120 6.81 -12.29 -22.31
N VAL A 121 7.08 -11.20 -21.58
CA VAL A 121 6.77 -11.09 -20.17
C VAL A 121 5.94 -9.82 -19.95
N VAL A 122 4.89 -9.96 -19.13
CA VAL A 122 4.07 -8.87 -18.66
C VAL A 122 4.22 -8.86 -17.14
N THR A 123 4.67 -7.72 -16.58
CA THR A 123 5.07 -7.65 -15.19
C THR A 123 4.61 -6.35 -14.54
N PRO A 124 4.27 -6.38 -13.24
CA PRO A 124 4.23 -5.17 -12.42
C PRO A 124 5.66 -4.85 -12.00
N LEU A 125 5.86 -3.69 -11.37
CA LEU A 125 7.13 -3.36 -10.69
C LEU A 125 7.24 -4.15 -9.37
N ILE A 126 8.17 -5.12 -9.33
CA ILE A 126 8.34 -5.98 -8.16
C ILE A 126 8.86 -5.14 -6.99
N SER A 127 8.24 -5.36 -5.82
CA SER A 127 8.60 -4.78 -4.53
C SER A 127 8.20 -3.31 -4.41
N ALA A 128 7.49 -2.75 -5.40
CA ALA A 128 7.17 -1.32 -5.47
C ALA A 128 5.88 -0.97 -4.71
N GLY A 129 5.14 -1.98 -4.26
CA GLY A 129 3.91 -1.80 -3.50
C GLY A 129 4.18 -1.86 -2.01
N ILE A 130 3.55 -2.80 -1.32
CA ILE A 130 3.67 -2.81 0.14
C ILE A 130 5.08 -3.25 0.56
N PHE A 131 5.83 -3.92 -0.35
CA PHE A 131 7.23 -4.28 -0.07
C PHE A 131 8.13 -3.03 -0.06
N SER A 132 7.60 -1.86 -0.45
CA SER A 132 8.13 -0.56 -0.03
C SER A 132 9.52 -0.24 -0.61
N VAL A 133 9.80 -0.74 -1.81
CA VAL A 133 10.96 -0.31 -2.58
C VAL A 133 10.52 0.83 -3.49
N ASP A 134 11.35 1.86 -3.57
CA ASP A 134 11.13 2.99 -4.47
C ASP A 134 10.86 2.46 -5.87
N PRO A 135 9.72 2.81 -6.52
CA PRO A 135 9.44 2.37 -7.89
C PRO A 135 10.60 2.63 -8.88
N LYS A 136 11.28 3.78 -8.72
CA LYS A 136 12.42 4.13 -9.57
C LYS A 136 13.54 3.08 -9.39
N VAL A 137 13.79 2.66 -8.15
CA VAL A 137 14.82 1.66 -7.86
C VAL A 137 14.42 0.34 -8.52
N SER A 138 13.17 -0.08 -8.33
CA SER A 138 12.69 -1.35 -8.91
C SER A 138 12.85 -1.31 -10.44
N PHE A 139 12.44 -0.19 -11.05
CA PHE A 139 12.50 -0.01 -12.49
C PHE A 139 13.96 -0.09 -12.98
N GLU A 140 14.88 0.55 -12.25
CA GLU A 140 16.32 0.53 -12.58
C GLU A 140 16.84 -0.91 -12.61
N TYR A 141 16.50 -1.69 -11.58
CA TYR A 141 16.93 -3.09 -11.52
C TYR A 141 16.37 -3.86 -12.71
N LEU A 142 15.13 -3.54 -13.10
CA LEU A 142 14.50 -4.19 -14.24
C LEU A 142 15.31 -3.89 -15.51
N LEU A 143 15.53 -2.59 -15.79
CA LEU A 143 16.22 -2.19 -17.03
C LEU A 143 17.64 -2.79 -17.08
N ALA A 144 18.29 -2.89 -15.91
CA ALA A 144 19.66 -3.37 -15.82
C ALA A 144 19.78 -4.88 -16.11
N ASN A 145 18.70 -5.64 -15.86
CA ASN A 145 18.82 -7.11 -15.84
C ASN A 145 17.94 -7.80 -16.89
N VAL A 146 16.88 -7.13 -17.38
CA VAL A 146 15.93 -7.77 -18.28
C VAL A 146 16.40 -7.58 -19.74
N THR A 147 16.45 -8.69 -20.48
CA THR A 147 16.95 -8.70 -21.87
C THR A 147 15.91 -9.29 -22.83
N THR A 148 14.73 -9.62 -22.31
CA THR A 148 13.67 -10.21 -23.11
C THR A 148 12.56 -9.18 -23.24
N THR A 149 11.66 -9.40 -24.21
CA THR A 149 10.58 -8.48 -24.50
C THR A 149 9.64 -8.42 -23.29
N THR A 150 9.52 -7.22 -22.70
CA THR A 150 8.84 -7.06 -21.41
C THR A 150 7.91 -5.85 -21.46
N TYR A 151 6.64 -6.06 -21.10
CA TYR A 151 5.69 -4.98 -20.85
C TYR A 151 5.60 -4.76 -19.33
N VAL A 152 6.17 -3.64 -18.87
CA VAL A 152 6.16 -3.26 -17.46
C VAL A 152 4.93 -2.38 -17.23
N VAL A 153 3.99 -2.88 -16.43
CA VAL A 153 2.68 -2.26 -16.34
C VAL A 153 2.53 -1.64 -14.95
N VAL A 154 2.29 -0.32 -14.94
CA VAL A 154 2.04 0.43 -13.71
C VAL A 154 0.61 0.99 -13.83
N ASN A 155 -0.13 1.00 -12.72
CA ASN A 155 -1.54 1.43 -12.75
C ASN A 155 -1.69 2.85 -12.18
N ASN A 156 -0.59 3.47 -11.78
CA ASN A 156 -0.57 4.79 -11.18
C ASN A 156 0.08 5.75 -12.18
N GLU A 157 -0.67 6.75 -12.63
CA GLU A 157 -0.23 7.64 -13.69
C GLU A 157 0.97 8.49 -13.23
N ASP A 158 1.02 8.82 -11.94
CA ASP A 158 2.13 9.62 -11.41
C ASP A 158 3.42 8.80 -11.43
N ILE A 159 3.32 7.52 -11.07
CA ILE A 159 4.46 6.62 -11.14
C ILE A 159 4.90 6.50 -12.61
N TYR A 160 3.92 6.31 -13.51
CA TYR A 160 4.18 6.21 -14.95
C TYR A 160 4.97 7.43 -15.42
N ASN A 161 4.50 8.63 -15.07
CA ASN A 161 5.11 9.87 -15.55
C ASN A 161 6.57 9.92 -15.06
N THR A 162 6.80 9.56 -13.80
CA THR A 162 8.14 9.61 -13.21
C THR A 162 9.10 8.71 -14.02
N LEU A 163 8.66 7.47 -14.29
CA LEU A 163 9.50 6.47 -14.92
C LEU A 163 9.62 6.72 -16.43
N ALA A 164 8.64 7.41 -17.02
CA ALA A 164 8.60 7.61 -18.48
C ALA A 164 9.55 8.72 -18.93
N THR A 165 9.97 9.60 -18.00
CA THR A 165 10.69 10.82 -18.36
C THR A 165 11.89 10.47 -19.25
N TYR B 6 6.16 -5.27 18.85
CA TYR B 6 4.86 -4.72 19.31
C TYR B 6 3.80 -5.82 19.29
N LYS B 7 2.86 -5.75 20.25
CA LYS B 7 1.65 -6.59 20.27
C LYS B 7 0.76 -6.20 19.10
N HIS B 8 0.27 -7.18 18.33
CA HIS B 8 -0.52 -6.90 17.14
C HIS B 8 -1.39 -8.09 16.74
N THR B 9 -2.51 -7.78 16.07
CA THR B 9 -3.46 -8.75 15.54
C THR B 9 -3.79 -8.37 14.09
N VAL B 10 -3.64 -9.34 13.17
CA VAL B 10 -4.11 -9.20 11.80
C VAL B 10 -5.62 -9.39 11.81
N ILE B 11 -6.37 -8.36 11.38
CA ILE B 11 -7.82 -8.37 11.39
C ILE B 11 -8.34 -8.94 10.07
N ASN B 12 -7.81 -8.44 8.94
CA ASN B 12 -8.17 -8.95 7.63
C ASN B 12 -6.95 -8.78 6.70
N ASN B 13 -7.15 -8.97 5.39
CA ASN B 13 -6.06 -8.90 4.42
C ASN B 13 -5.46 -7.49 4.33
N SER B 14 -6.18 -6.49 4.84
CA SER B 14 -5.78 -5.08 4.74
C SER B 14 -5.29 -4.52 6.09
N VAL B 15 -6.02 -4.84 7.18
CA VAL B 15 -5.90 -4.13 8.43
C VAL B 15 -5.18 -4.99 9.49
N THR B 16 -4.13 -4.42 10.09
CA THR B 16 -3.46 -4.95 11.27
C THR B 16 -3.66 -3.98 12.44
N LEU B 17 -4.19 -4.50 13.56
CA LEU B 17 -4.36 -3.74 14.79
C LEU B 17 -3.06 -3.87 15.62
N VAL B 18 -2.50 -2.72 16.01
CA VAL B 18 -1.23 -2.66 16.73
C VAL B 18 -1.42 -1.91 18.05
N LEU B 19 -0.89 -2.49 19.14
CA LEU B 19 -0.79 -1.79 20.41
C LEU B 19 0.55 -1.06 20.45
N GLY B 20 0.50 0.28 20.50
CA GLY B 20 1.69 1.11 20.54
C GLY B 20 1.37 2.56 20.20
N ASP B 21 2.40 3.29 19.75
CA ASP B 21 2.36 4.69 19.38
C ASP B 21 2.45 4.82 17.85
N ALA B 22 1.46 5.47 17.25
CA ALA B 22 1.35 5.59 15.79
C ALA B 22 2.63 6.22 15.22
N ILE B 23 3.19 7.20 15.92
CA ILE B 23 4.39 7.88 15.42
C ILE B 23 5.54 6.87 15.36
N GLN B 24 5.65 6.02 16.38
CA GLN B 24 6.75 5.06 16.46
C GLN B 24 6.59 4.00 15.37
N ILE B 25 5.35 3.57 15.10
CA ILE B 25 5.07 2.58 14.07
C ILE B 25 5.39 3.18 12.69
N ALA B 26 5.06 4.47 12.49
CA ALA B 26 5.30 5.12 11.20
C ALA B 26 6.80 5.27 10.93
N SER B 27 7.60 5.53 11.97
CA SER B 27 9.05 5.63 11.86
C SER B 27 9.66 4.30 11.42
N LEU B 28 9.10 3.21 11.93
CA LEU B 28 9.59 1.84 11.73
C LEU B 28 9.51 1.45 10.26
N LEU B 29 8.42 1.87 9.61
CA LEU B 29 8.12 1.45 8.24
C LEU B 29 8.90 2.34 7.28
N PRO B 30 9.59 1.77 6.26
CA PRO B 30 10.36 2.58 5.32
C PRO B 30 9.50 3.49 4.44
N LYS B 31 8.24 3.10 4.19
CA LYS B 31 7.37 3.88 3.34
C LYS B 31 5.95 3.81 3.87
N CYS B 32 5.40 4.96 4.26
CA CYS B 32 4.04 5.00 4.71
C CYS B 32 3.53 6.45 4.75
N ILE B 33 2.22 6.58 4.84
CA ILE B 33 1.54 7.81 5.21
C ILE B 33 1.10 7.65 6.67
N LEU B 34 1.34 8.71 7.44
CA LEU B 34 0.82 8.82 8.80
C LEU B 34 -0.44 9.69 8.78
N VAL B 35 -1.49 9.20 9.43
CA VAL B 35 -2.74 9.90 9.50
C VAL B 35 -2.80 10.67 10.82
N ASN B 36 -3.20 11.95 10.70
CA ASN B 36 -3.46 12.80 11.84
C ASN B 36 -4.99 12.93 12.00
N ALA B 37 -5.46 12.72 13.23
CA ALA B 37 -6.84 12.99 13.60
C ALA B 37 -6.97 14.49 13.92
N ALA B 38 -7.38 15.26 12.92
CA ALA B 38 -7.31 16.72 12.96
C ALA B 38 -8.70 17.33 13.21
N ASN B 39 -8.70 18.62 13.51
CA ASN B 39 -9.93 19.42 13.53
C ASN B 39 -10.00 20.20 12.21
N ARG B 40 -11.14 20.86 11.95
CA ARG B 40 -11.40 21.50 10.66
C ARG B 40 -10.45 22.69 10.42
N HIS B 41 -9.81 23.19 11.48
CA HIS B 41 -8.90 24.35 11.40
C HIS B 41 -7.42 23.92 11.31
N LEU B 42 -7.17 22.60 11.34
CA LEU B 42 -5.82 22.03 11.43
C LEU B 42 -5.04 22.75 12.55
N LYS B 43 -5.68 22.95 13.69
CA LYS B 43 -5.02 23.49 14.85
C LYS B 43 -4.67 22.32 15.78
N HIS B 44 -3.37 22.02 15.85
CA HIS B 44 -2.83 20.80 16.44
C HIS B 44 -2.33 21.09 17.87
N GLY B 45 -3.23 21.56 18.73
CA GLY B 45 -2.88 21.96 20.08
C GLY B 45 -2.81 20.78 21.05
N GLY B 46 -3.49 19.67 20.72
CA GLY B 46 -3.62 18.54 21.65
C GLY B 46 -4.02 17.25 20.94
N GLY B 47 -4.31 16.21 21.75
CA GLY B 47 -4.59 14.86 21.23
C GLY B 47 -3.40 14.32 20.45
N ILE B 48 -3.63 13.35 19.56
CA ILE B 48 -2.57 12.82 18.67
C ILE B 48 -1.99 13.97 17.83
N ALA B 49 -2.84 14.89 17.38
CA ALA B 49 -2.41 16.02 16.55
C ALA B 49 -1.27 16.80 17.23
N GLY B 50 -1.42 17.02 18.53
CA GLY B 50 -0.41 17.72 19.34
C GLY B 50 0.90 16.98 19.38
N VAL B 51 0.83 15.65 19.49
CA VAL B 51 2.04 14.83 19.61
C VAL B 51 2.75 14.82 18.25
N ILE B 52 1.98 14.74 17.17
CA ILE B 52 2.53 14.82 15.81
C ILE B 52 3.24 16.17 15.63
N ASN B 53 2.57 17.27 15.98
CA ASN B 53 3.13 18.59 15.77
C ASN B 53 4.44 18.75 16.56
N LYS B 54 4.41 18.34 17.83
CA LYS B 54 5.56 18.47 18.71
C LYS B 54 6.72 17.60 18.21
N ALA B 55 6.42 16.40 17.68
CA ALA B 55 7.46 15.51 17.13
C ALA B 55 8.15 16.17 15.93
N SER B 56 7.43 17.07 15.24
CA SER B 56 7.95 17.81 14.09
C SER B 56 8.56 19.14 14.55
N GLY B 57 8.54 19.42 15.85
CA GLY B 57 9.07 20.68 16.40
C GLY B 57 8.29 21.90 15.93
N GLY B 58 7.00 21.70 15.60
CA GLY B 58 6.11 22.78 15.19
C GLY B 58 6.07 22.99 13.69
N ASP B 59 6.79 22.16 12.92
CA ASP B 59 6.84 22.28 11.46
C ASP B 59 5.44 22.01 10.87
N VAL B 60 4.74 21.03 11.45
CA VAL B 60 3.41 20.61 10.99
C VAL B 60 2.41 21.78 11.15
N GLN B 61 2.44 22.44 12.31
CA GLN B 61 1.53 23.56 12.56
C GLN B 61 1.81 24.69 11.58
N GLU B 62 3.09 24.96 11.32
CA GLU B 62 3.52 26.02 10.42
C GLU B 62 2.89 25.80 9.04
N GLU B 63 3.06 24.59 8.51
CA GLU B 63 2.52 24.23 7.21
C GLU B 63 0.99 24.30 7.23
N SER B 64 0.38 23.78 8.29
CA SER B 64 -1.08 23.73 8.40
C SER B 64 -1.67 25.15 8.33
N ASP B 65 -1.04 26.08 9.04
CA ASP B 65 -1.47 27.48 9.08
C ASP B 65 -1.46 28.06 7.64
N GLU B 66 -0.39 27.75 6.91
CA GLU B 66 -0.24 28.22 5.56
C GLU B 66 -1.36 27.65 4.70
N TYR B 67 -1.65 26.35 4.85
CA TYR B 67 -2.70 25.70 4.09
C TYR B 67 -4.04 26.39 4.39
N ILE B 68 -4.35 26.58 5.67
CA ILE B 68 -5.64 27.13 6.07
C ILE B 68 -5.71 28.60 5.62
N SER B 69 -4.62 29.34 5.84
CA SER B 69 -4.47 30.73 5.38
C SER B 69 -4.89 30.89 3.91
N ASN B 70 -4.65 29.86 3.09
CA ASN B 70 -4.85 29.91 1.64
C ASN B 70 -6.17 29.25 1.23
N ASN B 71 -6.75 28.41 2.12
CA ASN B 71 -7.92 27.60 1.73
C ASN B 71 -9.13 27.80 2.66
N GLY B 72 -8.92 28.34 3.87
CA GLY B 72 -9.97 28.38 4.88
C GLY B 72 -10.22 27.00 5.49
N PRO B 73 -11.11 26.89 6.50
CA PRO B 73 -11.34 25.64 7.20
C PRO B 73 -11.90 24.53 6.31
N LEU B 74 -11.58 23.28 6.69
CA LEU B 74 -12.05 22.08 6.03
C LEU B 74 -13.50 21.80 6.42
N HIS B 75 -14.15 20.94 5.64
CA HIS B 75 -15.43 20.37 6.04
C HIS B 75 -15.17 19.09 6.86
N VAL B 76 -16.11 18.77 7.76
CA VAL B 76 -16.03 17.56 8.51
C VAL B 76 -16.11 16.40 7.52
N GLY B 77 -15.18 15.45 7.66
CA GLY B 77 -15.08 14.28 6.76
C GLY B 77 -14.06 14.48 5.65
N ASP B 78 -13.61 15.73 5.44
CA ASP B 78 -12.57 16.05 4.48
C ASP B 78 -11.21 15.61 5.02
N SER B 79 -10.23 15.56 4.12
CA SER B 79 -8.84 15.31 4.48
C SER B 79 -7.93 16.11 3.55
N VAL B 80 -6.68 16.31 3.99
CA VAL B 80 -5.69 16.95 3.15
C VAL B 80 -4.35 16.24 3.38
N LEU B 81 -3.71 15.86 2.27
CA LEU B 81 -2.38 15.28 2.31
C LEU B 81 -1.34 16.41 2.31
N LEU B 82 -0.55 16.46 3.38
CA LEU B 82 0.50 17.45 3.56
C LEU B 82 1.84 16.73 3.79
N LYS B 83 2.90 17.52 4.00
CA LYS B 83 4.26 16.99 4.11
C LYS B 83 4.42 16.12 5.36
N GLY B 84 5.44 15.27 5.31
CA GLY B 84 5.71 14.29 6.34
C GLY B 84 6.61 14.80 7.47
N HIS B 85 7.45 15.79 7.17
CA HIS B 85 8.36 16.41 8.15
C HIS B 85 9.22 15.38 8.87
N GLY B 86 9.62 14.32 8.15
CA GLY B 86 10.51 13.28 8.68
C GLY B 86 9.80 12.20 9.49
N LEU B 87 8.49 12.36 9.76
CA LEU B 87 7.71 11.39 10.55
C LEU B 87 7.22 10.24 9.65
N ALA B 88 7.02 10.55 8.37
CA ALA B 88 6.53 9.63 7.35
C ALA B 88 6.71 10.29 5.99
N ASP B 89 6.34 9.60 4.91
CA ASP B 89 6.48 10.14 3.55
C ASP B 89 5.56 11.35 3.39
N ALA B 90 4.40 11.31 4.06
CA ALA B 90 3.42 12.37 4.07
C ALA B 90 2.49 12.14 5.24
N ILE B 91 1.75 13.20 5.63
CA ILE B 91 0.76 13.15 6.69
C ILE B 91 -0.60 13.49 6.08
N LEU B 92 -1.54 12.57 6.22
CA LEU B 92 -2.92 12.79 5.80
C LEU B 92 -3.70 13.29 7.01
N HIS B 93 -4.04 14.59 6.99
CA HIS B 93 -4.81 15.20 8.06
C HIS B 93 -6.29 14.93 7.78
N VAL B 94 -6.96 14.17 8.66
CA VAL B 94 -8.33 13.79 8.42
C VAL B 94 -9.19 14.43 9.50
N VAL B 95 -10.33 15.00 9.11
CA VAL B 95 -11.22 15.67 10.05
C VAL B 95 -12.41 14.76 10.35
N GLY B 96 -12.32 14.04 11.47
CA GLY B 96 -13.39 13.19 11.92
C GLY B 96 -14.55 13.99 12.50
N PRO B 97 -15.77 13.41 12.55
CA PRO B 97 -16.88 14.10 13.21
C PRO B 97 -16.66 14.18 14.73
N ASP B 98 -17.02 15.33 15.28
CA ASP B 98 -17.01 15.61 16.71
C ASP B 98 -18.42 15.41 17.25
N ALA B 99 -18.62 14.35 18.02
CA ALA B 99 -19.94 13.99 18.56
C ALA B 99 -20.41 15.05 19.57
N ARG B 100 -19.47 15.80 20.17
CA ARG B 100 -19.81 16.90 21.09
C ARG B 100 -20.55 18.01 20.36
N ASN B 101 -20.28 18.15 19.04
CA ASN B 101 -20.87 19.17 18.18
C ASN B 101 -22.03 18.59 17.35
N ASN B 102 -22.56 17.43 17.78
CA ASN B 102 -23.68 16.77 17.13
C ASN B 102 -23.30 16.37 15.69
N GLU B 103 -22.01 16.11 15.42
CA GLU B 103 -21.59 15.60 14.11
C GLU B 103 -21.66 14.07 14.15
N ASP B 104 -22.25 13.48 13.11
CA ASP B 104 -22.60 12.07 13.07
C ASP B 104 -21.38 11.21 12.74
N ALA B 105 -21.25 10.09 13.44
CA ALA B 105 -20.16 9.13 13.26
C ALA B 105 -20.08 8.61 11.81
N ALA B 106 -21.22 8.58 11.08
CA ALA B 106 -21.25 8.08 9.70
C ALA B 106 -20.32 8.86 8.76
N LEU B 107 -19.96 10.11 9.12
CA LEU B 107 -18.97 10.90 8.34
C LEU B 107 -17.58 10.24 8.35
N LEU B 108 -17.32 9.33 9.29
CA LEU B 108 -16.08 8.55 9.28
C LEU B 108 -15.92 7.75 7.98
N LYS B 109 -17.02 7.45 7.30
CA LYS B 109 -16.93 6.78 5.99
C LYS B 109 -16.02 7.60 5.06
N ARG B 110 -16.22 8.92 5.04
CA ARG B 110 -15.46 9.81 4.18
C ARG B 110 -14.00 9.86 4.63
N CYS B 111 -13.79 9.93 5.94
CA CYS B 111 -12.46 9.94 6.52
C CYS B 111 -11.65 8.72 6.03
N TYR B 112 -12.25 7.53 6.20
CA TYR B 112 -11.53 6.28 5.98
C TYR B 112 -11.39 5.95 4.49
N LYS B 113 -12.34 6.39 3.64
CA LYS B 113 -12.22 6.13 2.20
C LYS B 113 -10.98 6.86 1.64
N ALA B 114 -10.58 7.97 2.27
CA ALA B 114 -9.42 8.75 1.79
C ALA B 114 -8.11 7.95 1.92
N PHE B 115 -8.12 6.87 2.71
CA PHE B 115 -6.95 6.01 2.89
C PHE B 115 -6.57 5.27 1.60
N ASN B 116 -7.58 4.97 0.77
CA ASN B 116 -7.53 3.82 -0.15
C ASN B 116 -6.62 4.09 -1.35
N LYS B 117 -6.28 5.36 -1.58
CA LYS B 117 -5.38 5.74 -2.71
C LYS B 117 -3.91 5.69 -2.24
N HIS B 118 -3.66 5.27 -0.99
CA HIS B 118 -2.29 5.18 -0.46
C HIS B 118 -1.88 3.73 -0.24
N THR B 119 -0.59 3.42 -0.45
CA THR B 119 -0.14 2.01 -0.45
C THR B 119 -0.08 1.46 0.99
N ILE B 120 0.49 2.25 1.90
CA ILE B 120 0.58 1.86 3.31
C ILE B 120 0.18 3.05 4.17
N VAL B 121 -0.75 2.81 5.10
CA VAL B 121 -1.28 3.84 5.96
C VAL B 121 -1.09 3.39 7.42
N VAL B 122 -0.63 4.33 8.25
CA VAL B 122 -0.55 4.18 9.70
C VAL B 122 -1.49 5.23 10.30
N THR B 123 -2.47 4.78 11.10
CA THR B 123 -3.55 5.63 11.57
C THR B 123 -3.87 5.34 13.03
N PRO B 124 -4.28 6.37 13.81
CA PRO B 124 -5.02 6.16 15.05
C PRO B 124 -6.49 5.96 14.69
N LEU B 125 -7.32 5.65 15.69
CA LEU B 125 -8.79 5.61 15.50
C LEU B 125 -9.38 7.03 15.49
N ILE B 126 -9.86 7.45 14.32
CA ILE B 126 -10.39 8.80 14.14
C ILE B 126 -11.67 8.97 14.97
N SER B 127 -11.75 10.11 15.66
CA SER B 127 -12.91 10.59 16.43
C SER B 127 -13.05 9.86 17.77
N ALA B 128 -12.10 9.00 18.12
CA ALA B 128 -12.19 8.11 19.29
C ALA B 128 -11.69 8.79 20.57
N GLY B 129 -11.08 9.98 20.44
CA GLY B 129 -10.59 10.76 21.57
C GLY B 129 -11.62 11.77 22.02
N ILE B 130 -11.27 13.05 22.03
CA ILE B 130 -12.21 14.02 22.59
C ILE B 130 -13.41 14.20 21.65
N PHE B 131 -13.30 13.79 20.38
CA PHE B 131 -14.46 13.82 19.47
C PHE B 131 -15.51 12.77 19.86
N SER B 132 -15.18 11.88 20.82
CA SER B 132 -16.19 11.18 21.66
C SER B 132 -17.04 10.19 20.86
N VAL B 133 -16.45 9.58 19.82
CA VAL B 133 -17.04 8.42 19.17
C VAL B 133 -16.48 7.17 19.84
N ASP B 134 -17.36 6.20 20.11
CA ASP B 134 -17.00 4.91 20.66
C ASP B 134 -15.87 4.33 19.81
N PRO B 135 -14.71 3.95 20.40
CA PRO B 135 -13.62 3.33 19.62
C PRO B 135 -14.07 2.17 18.74
N LYS B 136 -15.00 1.34 19.25
CA LYS B 136 -15.52 0.20 18.52
C LYS B 136 -16.28 0.67 17.27
N VAL B 137 -17.04 1.75 17.39
CA VAL B 137 -17.77 2.32 16.25
C VAL B 137 -16.75 2.82 15.21
N SER B 138 -15.74 3.57 15.66
CA SER B 138 -14.72 4.11 14.75
C SER B 138 -14.04 2.97 14.00
N PHE B 139 -13.66 1.93 14.75
CA PHE B 139 -12.99 0.77 14.20
C PHE B 139 -13.87 0.06 13.15
N GLU B 140 -15.17 -0.06 13.44
CA GLU B 140 -16.12 -0.69 12.51
C GLU B 140 -16.16 0.07 11.18
N TYR B 141 -16.22 1.41 11.26
CA TYR B 141 -16.23 2.22 10.05
C TYR B 141 -14.93 2.02 9.26
N LEU B 142 -13.81 1.87 9.98
CA LEU B 142 -12.51 1.64 9.36
C LEU B 142 -12.56 0.32 8.58
N LEU B 143 -12.95 -0.77 9.28
CA LEU B 143 -12.96 -2.11 8.64
C LEU B 143 -13.90 -2.13 7.44
N ALA B 144 -15.02 -1.39 7.51
CA ALA B 144 -16.04 -1.39 6.47
C ALA B 144 -15.55 -0.68 5.18
N ASN B 145 -14.61 0.27 5.31
CA ASN B 145 -14.31 1.19 4.22
C ASN B 145 -12.85 1.14 3.75
N VAL B 146 -11.95 0.60 4.56
CA VAL B 146 -10.52 0.60 4.21
C VAL B 146 -10.19 -0.66 3.41
N THR B 147 -9.52 -0.48 2.26
CA THR B 147 -9.15 -1.56 1.35
C THR B 147 -7.65 -1.57 1.07
N THR B 148 -6.90 -0.69 1.71
CA THR B 148 -5.45 -0.63 1.53
C THR B 148 -4.77 -1.12 2.81
N THR B 149 -3.47 -1.44 2.70
CA THR B 149 -2.72 -1.98 3.82
C THR B 149 -2.62 -0.89 4.90
N THR B 150 -3.17 -1.19 6.08
CA THR B 150 -3.36 -0.20 7.14
C THR B 150 -2.93 -0.79 8.49
N TYR B 151 -2.04 -0.06 9.18
CA TYR B 151 -1.73 -0.33 10.58
C TYR B 151 -2.54 0.65 11.43
N VAL B 152 -3.53 0.10 12.15
CA VAL B 152 -4.37 0.85 13.05
C VAL B 152 -3.74 0.75 14.45
N VAL B 153 -3.25 1.87 14.96
CA VAL B 153 -2.43 1.84 16.15
C VAL B 153 -3.21 2.49 17.29
N VAL B 154 -3.39 1.72 18.37
CA VAL B 154 -4.06 2.18 19.58
C VAL B 154 -3.03 2.08 20.72
N ASN B 155 -3.03 3.07 21.63
CA ASN B 155 -1.99 3.13 22.68
C ASN B 155 -2.56 2.69 24.03
N ASN B 156 -3.83 2.28 24.04
CA ASN B 156 -4.52 1.86 25.24
C ASN B 156 -4.78 0.36 25.12
N GLU B 157 -4.20 -0.42 26.05
CA GLU B 157 -4.24 -1.88 25.94
C GLU B 157 -5.67 -2.40 26.09
N ASP B 158 -6.49 -1.71 26.89
CA ASP B 158 -7.88 -2.14 27.10
C ASP B 158 -8.68 -1.94 25.81
N ILE B 159 -8.44 -0.81 25.13
CA ILE B 159 -9.08 -0.57 23.84
C ILE B 159 -8.60 -1.65 22.86
N TYR B 160 -7.30 -1.94 22.84
CA TYR B 160 -6.72 -2.96 21.98
C TYR B 160 -7.42 -4.30 22.19
N ASN B 161 -7.56 -4.71 23.45
CA ASN B 161 -8.14 -6.00 23.78
C ASN B 161 -9.58 -6.06 23.25
N THR B 162 -10.35 -4.97 23.44
CA THR B 162 -11.73 -4.91 22.97
C THR B 162 -11.80 -5.15 21.47
N LEU B 163 -10.95 -4.43 20.72
CA LEU B 163 -11.02 -4.43 19.26
C LEU B 163 -10.37 -5.70 18.68
N ALA B 164 -9.48 -6.36 19.44
CA ALA B 164 -8.78 -7.55 18.97
C ALA B 164 -9.66 -8.80 19.05
N THR B 165 -10.71 -8.79 19.89
CA THR B 165 -11.59 -9.96 20.09
C THR B 165 -12.05 -10.52 18.75
PA NAD C . 2.48 -5.14 -5.11
O1A NAD C . 2.08 -4.55 -3.81
O2A NAD C . 1.23 -5.57 -5.43
O5B NAD C . 2.87 -3.81 -5.77
C5B NAD C . 3.50 -4.01 -7.06
C4B NAD C . 3.33 -2.76 -7.87
O4B NAD C . 2.33 -2.99 -8.90
C3B NAD C . 2.83 -1.53 -7.10
O3B NAD C . 3.36 -0.34 -7.65
C2B NAD C . 1.32 -1.61 -7.29
O2B NAD C . 0.67 -0.35 -7.16
C1B NAD C . 1.27 -2.07 -8.74
N9A NAD C . 0.04 -2.73 -9.13
C8A NAD C . -0.99 -3.21 -8.35
N7A NAD C . -1.95 -3.77 -9.04
C5A NAD C . -1.55 -3.66 -10.36
C6A NAD C . -2.12 -4.08 -11.57
N6A NAD C . -3.33 -4.63 -11.67
N1A NAD C . -1.41 -3.87 -12.71
C2A NAD C . -0.23 -3.26 -12.62
N3A NAD C . 0.40 -2.79 -11.54
C4A NAD C . -0.32 -3.03 -10.43
O3 NAD C . 3.56 -6.16 -4.58
PN NAD C . 4.93 -6.03 -3.77
O1N NAD C . 5.26 -4.63 -3.45
O2N NAD C . 5.97 -6.89 -4.39
O5D NAD C . 4.32 -6.76 -2.46
C5D NAD C . 3.98 -8.16 -2.60
C4D NAD C . 3.00 -8.91 -1.71
O4D NAD C . 3.44 -9.26 -0.38
C3D NAD C . 1.57 -8.48 -1.45
O3D NAD C . 0.73 -8.39 -2.60
C2D NAD C . 1.11 -9.67 -0.59
O2D NAD C . 0.69 -10.76 -1.43
C1D NAD C . 2.44 -10.17 0.02
N1N NAD C . 2.52 -10.43 1.63
C2N NAD C . 1.43 -11.15 2.00
C3N NAD C . 1.37 -11.73 3.25
C7N NAD C . 0.19 -12.60 3.62
O7N NAD C . -0.74 -12.74 2.81
N7N NAD C . 0.19 -13.17 4.81
C4N NAD C . 2.44 -11.53 4.13
C5N NAD C . 3.51 -10.75 3.75
C6N NAD C . 3.54 -10.20 2.48
PA NAD D . -7.79 12.11 19.40
O1A NAD D . -6.39 12.57 19.36
O2A NAD D . -8.61 12.71 20.53
O5B NAD D . -7.92 10.51 19.61
C5B NAD D . -7.77 9.54 18.55
C4B NAD D . -7.57 8.20 19.22
O4B NAD D . -6.18 7.84 19.19
C3B NAD D . -7.98 8.12 20.70
O3B NAD D . -8.38 6.80 21.00
C2B NAD D . -6.66 8.45 21.41
O2B NAD D . -6.64 7.94 22.74
C1B NAD D . -5.70 7.67 20.51
N9A NAD D . -4.30 8.09 20.54
C8A NAD D . -3.72 9.19 21.11
N7A NAD D . -2.42 9.26 20.94
C5A NAD D . -2.13 8.13 20.20
C6A NAD D . -0.92 7.61 19.69
N6A NAD D . 0.27 8.19 19.86
N1A NAD D . -0.97 6.47 18.97
C2A NAD D . -2.16 5.89 18.78
N3A NAD D . -3.36 6.28 19.22
C4A NAD D . -3.28 7.41 19.93
O3 NAD D . -8.62 12.37 18.08
PN NAD D . -10.07 12.92 17.71
O1N NAD D . -10.36 12.51 16.32
O2N NAD D . -11.02 12.55 18.79
O5D NAD D . -9.91 14.53 17.68
C5D NAD D . -8.95 15.35 18.41
C4D NAD D . -8.92 16.74 17.83
O4D NAD D . -9.67 17.65 18.68
C3D NAD D . -7.53 17.36 17.62
O3D NAD D . -7.36 17.83 16.28
C2D NAD D . -7.49 18.56 18.58
O2D NAD D . -6.90 19.73 18.03
C1D NAD D . -8.97 18.85 18.82
N1N NAD D . -9.02 19.30 20.33
C2N NAD D . -8.23 18.60 21.16
C3N NAD D . -7.95 19.08 22.43
C7N NAD D . -7.11 18.25 23.37
O7N NAD D . -6.70 17.13 23.00
N7N NAD D . -6.85 18.75 24.57
C4N NAD D . -8.55 20.27 22.83
C5N NAD D . -9.43 20.91 22.00
C6N NAD D . -9.66 20.41 20.73
#